data_8V15
#
_entry.id   8V15
#
_cell.length_a   34.683
_cell.length_b   159.432
_cell.length_c   53.047
_cell.angle_alpha   90.00
_cell.angle_beta   90.61
_cell.angle_gamma   90.00
#
_symmetry.space_group_name_H-M   'P 1 21 1'
#
loop_
_entity.id
_entity.type
_entity.pdbx_description
1 polymer 'NAD-dependent protein deacetylase sirtuin-3, mitochondrial'
2 polymer GLN-PRO-LYS-FDL
3 non-polymer 'ZINC ION'
4 non-polymer CARBA-NICOTINAMIDE-ADENINE-DINUCLEOTIDE
5 non-polymer "(1P)-3',5-di(prop-2-en-1-yl)[1,1'-biphenyl]-2,4'-diol"
6 water water
#
loop_
_entity_poly.entity_id
_entity_poly.type
_entity_poly.pdbx_seq_one_letter_code
_entity_poly.pdbx_strand_id
1 'polypeptide(L)'
;SDKGKLSLQDVAELIRARACQRVVVMVGAGISTPSGIPDFRSPGSGLYSNLQQYDLPYPEAIFELPFFFHNPKPFFTLAK
ELYPGNYKPNVTHYFLRLLHDKGLLLRLYTQNIDGLERVSGIPASKLVEAHGTFASATCTVCQRPFPGEDIRADVMADRV
PRCPVCTGVVKPDIVFFGEPLPQRFLLHVVDFPMADLLLILGTSLEVEPFASLTEAVRSSVPRLLINRDLVGPLAWHPRS
RDVAQLGDVVHGVESLVELLGWTEEMRDLVQRETGKLDGPDK
;
A,C
2 'polypeptide(L)' QPK(FDL) B,D
#
loop_
_chem_comp.id
_chem_comp.type
_chem_comp.name
_chem_comp.formula
CNA non-polymer CARBA-NICOTINAMIDE-ADENINE-DINUCLEOTIDE 'C22 H30 N7 O13 P2 1'
Y4T non-polymer (1P)-3',5-di(prop-2-en-1-yl)[1,1'-biphenyl]-2,4'-diol 'C18 H18 O2'
ZN non-polymer 'ZINC ION' 'Zn 2'
#
# COMPACT_ATOMS: atom_id res chain seq x y z
N GLY A 4 23.14 7.01 16.77
CA GLY A 4 24.41 7.19 16.04
C GLY A 4 24.45 6.36 14.78
N LYS A 5 25.39 5.43 14.70
CA LYS A 5 25.48 4.53 13.54
C LYS A 5 24.20 3.71 13.53
N LEU A 6 23.52 3.68 12.39
CA LEU A 6 22.22 2.98 12.29
C LEU A 6 22.46 1.55 11.79
N SER A 7 21.49 0.68 12.05
CA SER A 7 21.60 -0.75 11.64
C SER A 7 20.54 -1.08 10.60
N LEU A 8 20.64 -2.26 10.01
CA LEU A 8 19.60 -2.64 9.02
C LEU A 8 18.27 -2.67 9.75
N GLN A 9 18.28 -3.18 10.98
CA GLN A 9 17.04 -3.37 11.69
C GLN A 9 16.46 -1.99 11.98
N ASP A 10 17.32 -1.02 12.38
CA ASP A 10 16.77 0.30 12.65
C ASP A 10 15.97 0.74 11.45
N VAL A 11 16.67 0.68 10.29
CA VAL A 11 16.06 1.09 9.06
C VAL A 11 14.75 0.41 8.94
N ALA A 12 14.73 -0.93 9.07
CA ALA A 12 13.47 -1.67 8.88
C ALA A 12 12.41 -1.14 9.84
N GLU A 13 12.85 -0.82 11.04
CA GLU A 13 11.87 -0.38 12.01
C GLU A 13 11.35 1.00 11.62
N LEU A 14 12.21 1.84 11.03
CA LEU A 14 11.77 3.19 10.59
C LEU A 14 10.74 3.01 9.48
N ILE A 15 10.94 2.02 8.63
CA ILE A 15 9.96 1.79 7.59
C ILE A 15 8.69 1.24 8.20
N ARG A 16 8.83 0.26 9.09
CA ARG A 16 7.67 -0.35 9.75
C ARG A 16 6.80 0.77 10.31
N ALA A 17 7.50 1.71 10.96
CA ALA A 17 6.89 2.70 11.82
C ALA A 17 6.49 3.95 11.06
N ARG A 18 6.07 3.76 9.79
CA ARG A 18 6.19 4.70 8.66
C ARG A 18 6.88 6.05 9.00
N ALA A 19 8.04 6.03 9.65
CA ALA A 19 8.89 7.20 9.72
C ALA A 19 9.54 7.50 8.36
N CYS A 20 9.59 6.47 7.51
CA CYS A 20 10.12 6.54 6.17
C CYS A 20 9.04 6.12 5.20
N GLN A 21 8.48 7.07 4.41
CA GLN A 21 7.27 6.90 3.62
C GLN A 21 7.48 7.25 2.13
N ARG A 22 8.70 7.72 1.84
CA ARG A 22 9.01 8.37 0.56
C ARG A 22 10.39 7.88 0.10
N VAL A 23 10.46 6.58 -0.19
CA VAL A 23 11.74 5.97 -0.45
C VAL A 23 12.10 6.19 -1.90
N VAL A 24 13.36 6.54 -2.10
CA VAL A 24 13.77 6.53 -3.49
C VAL A 24 14.82 5.42 -3.69
N VAL A 25 14.82 4.76 -4.84
CA VAL A 25 15.61 3.56 -5.01
C VAL A 25 16.37 3.70 -6.28
N MET A 26 17.61 3.27 -6.18
CA MET A 26 18.43 3.19 -7.34
C MET A 26 18.90 1.75 -7.45
N VAL A 27 18.74 1.19 -8.67
CA VAL A 27 19.21 -0.19 -8.83
C VAL A 27 20.16 -0.30 -10.01
N GLY A 28 20.95 -1.38 -9.98
CA GLY A 28 21.81 -1.73 -11.07
C GLY A 28 21.84 -3.23 -11.21
N ALA A 29 22.95 -3.70 -11.78
CA ALA A 29 23.04 -4.99 -12.42
C ALA A 29 23.02 -6.10 -11.42
N GLY A 30 23.38 -5.80 -10.18
CA GLY A 30 23.29 -6.82 -9.15
C GLY A 30 21.87 -7.41 -8.92
N ILE A 31 20.81 -6.68 -9.32
CA ILE A 31 19.50 -7.26 -9.09
C ILE A 31 19.05 -8.01 -10.33
N SER A 32 19.84 -7.95 -11.41
CA SER A 32 19.51 -8.59 -12.68
C SER A 32 20.09 -9.99 -12.77
N THR A 33 21.38 -10.12 -12.45
CA THR A 33 22.08 -11.40 -12.48
C THR A 33 21.24 -12.48 -11.80
N PRO A 34 20.50 -12.28 -10.69
CA PRO A 34 19.67 -13.36 -10.17
C PRO A 34 18.53 -13.80 -11.06
N SER A 35 18.16 -13.03 -12.08
CA SER A 35 17.11 -13.49 -12.99
C SER A 35 17.77 -14.32 -14.10
N GLY A 36 19.08 -14.50 -13.96
CA GLY A 36 19.91 -15.15 -14.98
C GLY A 36 20.10 -14.28 -16.22
N ILE A 37 20.07 -12.96 -16.03
CA ILE A 37 20.53 -12.02 -17.02
C ILE A 37 22.08 -12.08 -16.89
N PRO A 38 22.83 -12.17 -18.01
CA PRO A 38 24.30 -12.04 -17.96
C PRO A 38 24.91 -10.74 -17.42
N ASP A 39 26.16 -10.82 -16.91
CA ASP A 39 26.92 -9.62 -16.56
C ASP A 39 28.06 -9.51 -17.57
N PHE A 40 28.27 -8.30 -18.09
CA PHE A 40 29.22 -8.03 -19.15
C PHE A 40 30.61 -7.73 -18.52
N ARG A 41 30.66 -6.69 -17.66
CA ARG A 41 31.74 -6.54 -16.71
C ARG A 41 32.27 -7.96 -16.36
N SER A 45 35.11 -14.81 -18.70
CA SER A 45 33.70 -14.81 -18.22
C SER A 45 32.97 -16.09 -18.65
N GLY A 46 32.32 -16.11 -19.83
CA GLY A 46 31.46 -17.23 -20.23
C GLY A 46 30.26 -16.75 -21.06
N LEU A 47 29.58 -15.68 -20.58
CA LEU A 47 28.42 -15.03 -21.20
C LEU A 47 28.71 -14.62 -22.65
N TYR A 48 29.90 -14.02 -22.87
CA TYR A 48 30.28 -13.37 -24.12
C TYR A 48 30.28 -14.42 -25.23
N SER A 49 30.26 -15.73 -24.85
CA SER A 49 29.85 -16.85 -25.70
C SER A 49 28.97 -16.33 -26.82
N ASN A 50 27.99 -15.49 -26.43
CA ASN A 50 27.14 -14.74 -27.33
C ASN A 50 27.88 -13.57 -28.03
N LEU A 51 28.92 -12.96 -27.42
CA LEU A 51 29.33 -11.57 -27.67
C LEU A 51 30.75 -11.42 -28.25
N GLN A 52 31.72 -12.18 -27.70
CA GLN A 52 33.15 -11.98 -27.92
C GLN A 52 33.57 -12.32 -29.35
N GLN A 53 32.82 -13.28 -29.92
CA GLN A 53 32.99 -13.92 -31.23
C GLN A 53 33.32 -12.96 -32.38
N TYR A 54 32.41 -12.03 -32.69
CA TYR A 54 32.65 -11.11 -33.83
C TYR A 54 33.68 -10.12 -33.41
N ASP A 55 34.36 -10.33 -32.29
CA ASP A 55 35.26 -9.37 -31.67
C ASP A 55 34.48 -8.07 -31.51
N LEU A 56 34.23 -7.76 -30.26
CA LEU A 56 34.30 -6.40 -29.75
C LEU A 56 35.77 -6.08 -29.56
N PRO A 57 36.29 -4.98 -30.10
CA PRO A 57 37.69 -4.62 -29.84
C PRO A 57 37.93 -4.32 -28.35
N TYR A 58 36.87 -3.94 -27.62
CA TYR A 58 36.86 -3.73 -26.18
C TYR A 58 35.40 -3.61 -25.75
N PRO A 59 35.01 -3.92 -24.50
CA PRO A 59 33.60 -4.02 -24.12
C PRO A 59 32.70 -2.84 -24.46
N GLU A 60 33.22 -1.65 -24.21
CA GLU A 60 32.30 -0.52 -24.17
C GLU A 60 31.71 -0.34 -25.58
N ALA A 61 32.42 -0.92 -26.60
CA ALA A 61 31.98 -0.87 -27.99
C ALA A 61 30.48 -1.22 -28.11
N ILE A 62 30.04 -2.09 -27.23
CA ILE A 62 28.67 -2.56 -27.27
C ILE A 62 27.74 -1.37 -27.23
N PHE A 63 28.23 -0.27 -26.61
CA PHE A 63 27.33 0.87 -26.46
C PHE A 63 27.95 2.14 -26.96
N GLU A 64 28.76 1.97 -28.03
CA GLU A 64 29.24 3.06 -28.84
C GLU A 64 28.57 3.15 -30.23
N LEU A 65 28.08 4.33 -30.61
CA LEU A 65 27.40 4.44 -31.90
C LEU A 65 28.32 4.13 -33.09
N PRO A 66 29.50 4.78 -33.16
CA PRO A 66 30.43 4.55 -34.28
C PRO A 66 30.73 3.06 -34.43
N PHE A 67 30.92 2.35 -33.31
CA PHE A 67 31.18 0.94 -33.46
C PHE A 67 29.93 0.31 -34.08
N PHE A 68 28.79 0.60 -33.49
CA PHE A 68 27.51 0.03 -33.88
C PHE A 68 27.25 0.21 -35.38
N PHE A 69 27.50 1.41 -35.89
CA PHE A 69 27.43 1.69 -37.31
C PHE A 69 28.36 0.78 -38.10
N HIS A 70 29.56 0.52 -37.60
CA HIS A 70 30.50 -0.31 -38.32
C HIS A 70 30.14 -1.78 -38.20
N ASN A 71 29.60 -2.19 -37.05
CA ASN A 71 29.28 -3.59 -36.84
C ASN A 71 28.25 -3.72 -35.72
N PRO A 72 26.95 -3.77 -36.06
CA PRO A 72 25.89 -3.95 -35.07
C PRO A 72 25.65 -5.34 -34.53
N LYS A 73 26.29 -6.35 -35.14
CA LYS A 73 25.92 -7.72 -34.80
C LYS A 73 26.01 -7.93 -33.28
N PRO A 74 27.13 -7.60 -32.58
CA PRO A 74 27.23 -7.91 -31.15
C PRO A 74 26.11 -7.32 -30.35
N PHE A 75 25.75 -6.08 -30.67
CA PHE A 75 24.71 -5.44 -29.88
C PHE A 75 23.45 -6.24 -30.00
N PHE A 76 23.11 -6.66 -31.23
CA PHE A 76 21.83 -7.37 -31.41
C PHE A 76 21.93 -8.77 -30.78
N THR A 77 23.10 -9.39 -30.69
CA THR A 77 23.09 -10.61 -29.89
C THR A 77 22.58 -10.26 -28.51
N LEU A 78 23.07 -9.17 -27.93
CA LEU A 78 22.67 -8.83 -26.57
C LEU A 78 21.17 -8.55 -26.51
N ALA A 79 20.68 -7.79 -27.48
CA ALA A 79 19.25 -7.48 -27.47
C ALA A 79 18.39 -8.74 -27.50
N LYS A 80 18.87 -9.75 -28.23
CA LYS A 80 18.12 -10.99 -28.35
C LYS A 80 18.04 -11.64 -26.97
N GLU A 81 19.17 -11.67 -26.26
CA GLU A 81 19.21 -12.17 -24.87
C GLU A 81 18.18 -11.44 -23.98
N LEU A 82 18.06 -10.10 -24.03
CA LEU A 82 17.34 -9.40 -22.99
C LEU A 82 15.97 -9.04 -23.45
N TYR A 83 15.67 -9.31 -24.72
CA TYR A 83 14.38 -8.85 -25.29
C TYR A 83 13.28 -9.39 -24.42
N PRO A 84 12.25 -8.59 -24.11
CA PRO A 84 11.22 -9.05 -23.16
C PRO A 84 10.53 -10.34 -23.61
N GLY A 85 9.89 -11.01 -22.63
CA GLY A 85 9.60 -12.44 -22.75
C GLY A 85 10.69 -13.34 -22.13
N ASN A 86 11.93 -13.16 -22.59
CA ASN A 86 13.01 -14.08 -22.29
C ASN A 86 13.51 -13.90 -20.85
N TYR A 87 12.95 -13.02 -20.00
CA TYR A 87 13.31 -13.11 -18.59
C TYR A 87 12.16 -12.67 -17.66
N LYS A 88 12.30 -13.09 -16.42
CA LYS A 88 11.30 -12.80 -15.38
C LYS A 88 11.93 -12.06 -14.20
N PRO A 89 11.14 -11.20 -13.56
CA PRO A 89 11.52 -10.49 -12.35
C PRO A 89 11.90 -11.45 -11.25
N ASN A 90 12.98 -11.19 -10.52
CA ASN A 90 13.26 -12.01 -9.37
C ASN A 90 12.64 -11.37 -8.12
N VAL A 91 12.94 -11.99 -6.99
CA VAL A 91 12.44 -11.50 -5.69
C VAL A 91 12.83 -10.04 -5.41
N THR A 92 13.96 -9.56 -5.91
CA THR A 92 14.32 -8.22 -5.50
C THR A 92 13.43 -7.18 -6.18
N HIS A 93 13.07 -7.45 -7.43
CA HIS A 93 12.06 -6.63 -8.08
C HIS A 93 10.76 -6.70 -7.29
N TYR A 94 10.43 -7.90 -6.80
CA TYR A 94 9.07 -8.07 -6.29
C TYR A 94 9.06 -7.32 -4.98
N PHE A 95 10.14 -7.31 -4.27
CA PHE A 95 10.23 -6.48 -3.08
C PHE A 95 10.03 -5.01 -3.39
N LEU A 96 10.63 -4.48 -4.44
CA LEU A 96 10.38 -3.08 -4.77
C LEU A 96 8.93 -2.93 -5.18
N ARG A 97 8.37 -3.90 -5.91
CA ARG A 97 6.92 -3.94 -6.19
C ARG A 97 6.05 -3.87 -4.90
N LEU A 98 6.45 -4.61 -3.90
CA LEU A 98 5.72 -4.51 -2.64
C LEU A 98 5.84 -3.11 -2.04
N LEU A 99 7.02 -2.47 -2.11
CA LEU A 99 7.22 -1.10 -1.63
CA LEU A 99 7.21 -1.11 -1.62
C LEU A 99 6.23 -0.13 -2.28
N HIS A 100 6.14 -0.18 -3.59
CA HIS A 100 5.17 0.56 -4.36
C HIS A 100 3.75 0.30 -3.88
N ASP A 101 3.42 -0.97 -3.65
CA ASP A 101 2.03 -1.33 -3.51
C ASP A 101 1.58 -0.86 -2.14
N LYS A 102 2.56 -0.61 -1.26
CA LYS A 102 2.27 -0.10 0.06
C LYS A 102 2.39 1.43 0.04
N GLY A 103 2.45 2.04 -1.12
CA GLY A 103 2.39 3.48 -1.15
C GLY A 103 3.71 4.14 -0.71
N LEU A 104 4.82 3.43 -0.68
CA LEU A 104 6.01 3.91 -0.01
C LEU A 104 7.05 4.38 -1.03
N LEU A 105 6.76 4.23 -2.31
CA LEU A 105 7.86 4.41 -3.24
C LEU A 105 7.66 5.70 -4.01
N LEU A 106 8.62 6.59 -3.84
CA LEU A 106 8.61 7.82 -4.58
C LEU A 106 9.12 7.58 -6.01
N ARG A 107 10.25 6.88 -6.15
CA ARG A 107 10.82 6.75 -7.45
C ARG A 107 11.85 5.64 -7.50
N LEU A 108 11.83 4.93 -8.65
CA LEU A 108 12.87 3.98 -8.90
C LEU A 108 13.61 4.33 -10.14
N TYR A 109 14.92 4.43 -9.92
CA TYR A 109 15.89 4.76 -10.94
C TYR A 109 16.63 3.48 -11.28
N THR A 110 16.73 3.11 -12.56
CA THR A 110 17.36 1.82 -12.79
C THR A 110 18.38 2.03 -13.87
N GLN A 111 19.48 1.32 -13.66
CA GLN A 111 20.55 1.30 -14.61
C GLN A 111 20.33 0.12 -15.56
N ASN A 112 19.39 -0.80 -15.23
CA ASN A 112 19.30 -2.01 -15.99
C ASN A 112 18.45 -1.75 -17.26
N ILE A 113 18.74 -2.44 -18.36
CA ILE A 113 17.99 -2.28 -19.60
C ILE A 113 17.06 -3.50 -19.76
N ASP A 114 16.95 -4.38 -18.77
CA ASP A 114 16.18 -5.65 -18.90
C ASP A 114 14.67 -5.44 -18.91
N GLY A 115 14.21 -4.28 -18.46
CA GLY A 115 12.81 -3.95 -18.35
C GLY A 115 12.08 -4.77 -17.29
N LEU A 116 12.81 -5.30 -16.30
CA LEU A 116 12.15 -6.21 -15.38
C LEU A 116 11.33 -5.48 -14.35
N GLU A 117 11.66 -4.20 -14.11
CA GLU A 117 10.86 -3.39 -13.21
C GLU A 117 9.38 -3.22 -13.75
N ARG A 118 9.15 -2.84 -15.00
CA ARG A 118 7.80 -2.73 -15.50
C ARG A 118 7.17 -4.13 -15.43
N VAL A 119 7.94 -5.15 -15.84
CA VAL A 119 7.34 -6.46 -15.90
C VAL A 119 6.79 -6.78 -14.50
N SER A 120 7.65 -6.61 -13.48
CA SER A 120 7.34 -6.84 -12.07
C SER A 120 6.05 -6.19 -11.65
N GLY A 121 5.58 -5.18 -12.36
CA GLY A 121 4.35 -4.54 -11.94
C GLY A 121 4.52 -3.05 -11.58
N ILE A 122 5.70 -2.48 -11.65
CA ILE A 122 5.82 -1.09 -11.23
C ILE A 122 5.43 -0.17 -12.38
N PRO A 123 4.41 0.72 -12.18
CA PRO A 123 3.92 1.55 -13.30
C PRO A 123 5.03 2.47 -13.85
N ALA A 124 4.89 2.84 -15.12
CA ALA A 124 5.91 3.66 -15.76
C ALA A 124 6.16 5.02 -15.07
N SER A 125 5.11 5.56 -14.43
CA SER A 125 5.25 6.86 -13.79
C SER A 125 6.19 6.80 -12.59
N LYS A 126 6.48 5.57 -12.07
CA LYS A 126 7.29 5.44 -10.86
C LYS A 126 8.72 5.14 -11.23
N LEU A 127 8.99 5.04 -12.55
CA LEU A 127 10.23 4.44 -13.02
C LEU A 127 11.05 5.48 -13.71
N VAL A 128 12.35 5.39 -13.54
CA VAL A 128 13.25 6.01 -14.49
C VAL A 128 14.28 5.02 -15.01
N GLU A 129 14.17 4.83 -16.31
CA GLU A 129 14.93 3.90 -17.08
C GLU A 129 16.09 4.66 -17.70
N ALA A 130 17.07 4.88 -16.83
CA ALA A 130 18.05 5.90 -17.18
C ALA A 130 18.95 5.52 -18.35
N HIS A 131 18.98 4.24 -18.71
CA HIS A 131 19.77 3.82 -19.83
C HIS A 131 18.85 3.37 -20.96
N GLY A 132 17.56 3.75 -20.96
CA GLY A 132 16.71 3.36 -22.06
C GLY A 132 16.04 2.01 -21.86
N THR A 133 15.54 1.44 -23.00
CA THR A 133 14.47 0.43 -23.05
C THR A 133 14.48 -0.27 -24.38
N PHE A 134 14.18 -1.56 -24.40
CA PHE A 134 13.82 -2.21 -25.65
C PHE A 134 12.35 -2.08 -26.08
N ALA A 135 11.48 -1.60 -25.22
CA ALA A 135 10.11 -1.29 -25.55
C ALA A 135 10.04 -0.55 -26.88
N SER A 136 11.09 0.21 -27.22
CA SER A 136 10.95 1.06 -28.37
C SER A 136 12.25 1.20 -29.14
N ALA A 137 12.11 1.69 -30.37
CA ALA A 137 13.28 1.90 -31.21
C ALA A 137 13.08 3.05 -32.20
N THR A 138 14.12 3.19 -33.01
CA THR A 138 14.51 4.46 -33.55
C THR A 138 15.53 4.17 -34.63
N CYS A 139 15.20 4.67 -35.82
CA CYS A 139 15.98 4.36 -36.99
C CYS A 139 17.19 5.23 -36.86
N THR A 140 18.36 4.60 -36.96
CA THR A 140 19.59 5.34 -36.72
C THR A 140 19.79 6.45 -37.76
N VAL A 141 19.17 6.37 -38.94
CA VAL A 141 19.46 7.33 -40.01
C VAL A 141 18.33 8.33 -40.14
N CYS A 142 17.09 7.81 -40.31
CA CYS A 142 15.97 8.62 -40.71
C CYS A 142 15.25 9.15 -39.49
N GLN A 143 15.56 8.60 -38.30
CA GLN A 143 14.91 9.00 -37.04
C GLN A 143 13.46 8.51 -36.79
N ARG A 144 12.78 7.88 -37.78
CA ARG A 144 11.42 7.36 -37.59
C ARG A 144 11.46 6.45 -36.36
N PRO A 145 10.48 6.47 -35.42
CA PRO A 145 10.47 5.62 -34.24
C PRO A 145 9.54 4.43 -34.39
N PHE A 146 9.68 3.41 -33.55
CA PHE A 146 8.95 2.16 -33.74
C PHE A 146 8.56 1.49 -32.41
N PRO A 147 7.35 0.91 -32.29
CA PRO A 147 7.15 -0.03 -31.19
C PRO A 147 8.26 -1.07 -31.25
N GLY A 148 8.56 -1.65 -30.10
CA GLY A 148 9.58 -2.67 -30.00
C GLY A 148 9.24 -3.95 -30.75
N GLU A 149 7.94 -4.24 -30.90
CA GLU A 149 7.53 -5.54 -31.50
C GLU A 149 7.78 -5.54 -33.01
N ASP A 150 7.75 -4.37 -33.65
CA ASP A 150 7.96 -4.39 -35.08
C ASP A 150 9.41 -4.68 -35.42
N ILE A 151 10.26 -5.13 -34.50
CA ILE A 151 11.54 -5.67 -34.95
C ILE A 151 11.84 -6.98 -34.25
N ARG A 152 10.97 -7.39 -33.32
CA ARG A 152 11.05 -8.66 -32.59
C ARG A 152 11.60 -9.82 -33.46
N ALA A 153 10.99 -10.11 -34.62
CA ALA A 153 11.37 -11.33 -35.32
C ALA A 153 12.77 -11.21 -35.95
N ASP A 154 13.01 -10.07 -36.59
CA ASP A 154 14.36 -9.85 -37.16
C ASP A 154 15.37 -10.13 -36.07
N VAL A 155 15.21 -9.48 -34.91
CA VAL A 155 16.12 -9.66 -33.80
C VAL A 155 16.12 -11.13 -33.37
N MET A 156 14.90 -11.69 -33.26
CA MET A 156 14.76 -13.05 -32.81
C MET A 156 15.38 -13.99 -33.83
N ALA A 157 15.61 -13.54 -35.07
CA ALA A 157 16.25 -14.43 -36.00
C ALA A 157 17.77 -14.19 -36.12
N ASP A 158 18.33 -13.27 -35.36
CA ASP A 158 19.64 -12.72 -35.68
C ASP A 158 19.67 -12.08 -37.07
N ARG A 159 18.57 -11.46 -37.54
CA ARG A 159 18.78 -10.52 -38.63
C ARG A 159 18.80 -9.09 -38.08
N VAL A 160 19.77 -8.33 -38.56
CA VAL A 160 19.90 -6.93 -38.20
C VAL A 160 18.70 -6.18 -38.77
N PRO A 161 17.80 -5.65 -37.96
CA PRO A 161 16.69 -4.85 -38.51
C PRO A 161 17.12 -3.57 -39.24
N ARG A 162 16.25 -3.16 -40.19
CA ARG A 162 16.46 -2.15 -41.22
C ARG A 162 15.17 -1.34 -41.40
N CYS A 163 15.28 0.00 -41.51
CA CYS A 163 14.16 0.91 -41.81
C CYS A 163 13.42 0.50 -43.12
N PRO A 164 12.07 0.59 -43.17
CA PRO A 164 11.36 0.50 -44.45
C PRO A 164 11.57 1.82 -45.20
N VAL A 165 11.54 2.89 -44.43
CA VAL A 165 11.61 4.21 -44.98
C VAL A 165 12.92 4.32 -45.75
N CYS A 166 14.07 4.12 -45.09
CA CYS A 166 15.36 4.47 -45.67
C CYS A 166 16.40 3.34 -45.72
N THR A 167 16.12 2.18 -45.11
CA THR A 167 17.00 1.01 -45.08
C THR A 167 18.04 1.10 -43.96
N GLY A 168 18.16 2.22 -43.23
CA GLY A 168 19.18 2.31 -42.18
C GLY A 168 18.98 1.24 -41.09
N VAL A 169 19.93 1.08 -40.17
CA VAL A 169 19.73 0.16 -39.03
C VAL A 169 18.80 0.75 -37.97
N VAL A 170 17.83 -0.07 -37.58
CA VAL A 170 16.87 0.36 -36.58
C VAL A 170 17.31 -0.12 -35.21
N LYS A 171 17.47 0.86 -34.31
CA LYS A 171 18.17 0.72 -33.05
C LYS A 171 17.20 0.87 -31.87
N PRO A 172 17.11 -0.14 -31.00
CA PRO A 172 16.30 0.01 -29.78
C PRO A 172 16.82 1.20 -28.96
N ASP A 173 15.94 1.89 -28.21
CA ASP A 173 16.22 3.14 -27.49
C ASP A 173 17.02 2.96 -26.18
N ILE A 174 17.95 2.03 -26.21
CA ILE A 174 19.03 1.97 -25.27
C ILE A 174 19.95 3.15 -25.53
N VAL A 175 20.42 3.79 -24.46
CA VAL A 175 21.33 4.93 -24.44
C VAL A 175 22.77 4.42 -24.48
N PHE A 176 23.48 5.00 -25.49
CA PHE A 176 24.87 4.69 -25.76
C PHE A 176 25.72 5.68 -25.00
N PHE A 177 27.01 5.35 -24.89
CA PHE A 177 28.05 6.23 -24.40
C PHE A 177 28.07 7.51 -25.23
N GLY A 178 28.06 8.66 -24.59
CA GLY A 178 28.05 9.87 -25.39
C GLY A 178 26.64 10.44 -25.49
N GLU A 179 25.60 9.66 -25.25
CA GLU A 179 24.27 10.16 -25.56
C GLU A 179 23.61 10.84 -24.36
N PRO A 180 22.68 11.78 -24.58
CA PRO A 180 21.90 12.30 -23.46
C PRO A 180 21.12 11.18 -22.77
N LEU A 181 21.14 11.16 -21.45
CA LEU A 181 20.22 10.30 -20.76
C LEU A 181 18.84 10.85 -21.09
N PRO A 182 17.75 10.07 -20.83
CA PRO A 182 16.39 10.54 -20.94
C PRO A 182 16.16 11.80 -20.16
N GLN A 183 15.05 12.42 -20.53
CA GLN A 183 14.60 13.61 -19.88
C GLN A 183 14.08 13.22 -18.50
N ARG A 184 13.43 12.08 -18.44
CA ARG A 184 12.92 11.57 -17.16
C ARG A 184 14.00 11.46 -16.08
N PHE A 185 15.26 11.34 -16.45
CA PHE A 185 16.34 11.37 -15.48
C PHE A 185 16.38 12.66 -14.65
N LEU A 186 15.80 13.71 -15.21
CA LEU A 186 15.95 15.07 -14.67
C LEU A 186 14.98 15.23 -13.51
N LEU A 187 14.09 14.25 -13.34
CA LEU A 187 13.31 14.19 -12.11
C LEU A 187 14.13 14.13 -10.84
N HIS A 188 15.45 13.98 -10.94
CA HIS A 188 16.11 13.58 -9.74
C HIS A 188 16.17 14.75 -8.80
N VAL A 189 16.10 15.94 -9.40
CA VAL A 189 16.30 17.19 -8.67
C VAL A 189 15.23 17.36 -7.61
N VAL A 190 14.01 16.91 -7.92
CA VAL A 190 12.93 16.99 -6.98
C VAL A 190 12.71 15.69 -6.17
N ASP A 191 13.09 14.53 -6.74
CA ASP A 191 12.81 13.30 -6.05
C ASP A 191 13.81 13.18 -4.90
N PHE A 192 15.08 13.43 -5.18
CA PHE A 192 16.06 13.08 -4.18
C PHE A 192 15.91 13.90 -2.88
N PRO A 193 15.85 15.24 -2.91
CA PRO A 193 15.56 16.03 -1.72
C PRO A 193 14.18 15.82 -1.08
N MET A 194 13.17 15.36 -1.84
CA MET A 194 11.92 14.88 -1.24
C MET A 194 12.01 13.53 -0.52
N ALA A 195 13.06 12.72 -0.67
CA ALA A 195 13.01 11.36 -0.14
C ALA A 195 13.36 11.37 1.33
N ASP A 196 12.81 10.40 2.07
CA ASP A 196 13.25 10.17 3.46
C ASP A 196 13.96 8.84 3.61
N LEU A 197 14.16 8.15 2.52
CA LEU A 197 15.10 7.05 2.49
C LEU A 197 15.51 6.88 1.06
N LEU A 198 16.80 6.74 0.91
CA LEU A 198 17.50 6.23 -0.23
C LEU A 198 17.96 4.77 -0.02
N LEU A 199 17.58 3.95 -0.96
CA LEU A 199 17.93 2.56 -1.03
C LEU A 199 18.58 2.33 -2.37
N ILE A 200 19.76 1.68 -2.29
CA ILE A 200 20.62 1.33 -3.38
C ILE A 200 20.85 -0.20 -3.39
N LEU A 201 20.44 -0.87 -4.49
CA LEU A 201 20.47 -2.31 -4.57
C LEU A 201 21.24 -2.70 -5.82
N GLY A 202 22.24 -3.56 -5.61
CA GLY A 202 22.91 -4.20 -6.73
C GLY A 202 23.68 -3.23 -7.62
N THR A 203 24.17 -2.17 -7.01
CA THR A 203 25.08 -1.19 -7.63
C THR A 203 25.77 -0.38 -6.52
N SER A 204 27.02 -0.01 -6.71
CA SER A 204 27.66 0.96 -5.82
C SER A 204 27.60 2.40 -6.35
N LEU A 205 27.27 2.57 -7.67
CA LEU A 205 27.17 3.86 -8.31
C LEU A 205 28.50 4.62 -8.50
N GLU A 206 29.53 3.88 -8.89
CA GLU A 206 30.84 4.48 -9.13
C GLU A 206 30.77 5.53 -10.25
N VAL A 207 29.83 5.30 -11.20
CA VAL A 207 29.69 6.01 -12.49
C VAL A 207 28.85 7.27 -12.35
N GLU A 208 29.39 8.42 -12.75
CA GLU A 208 28.52 9.58 -12.83
C GLU A 208 27.66 9.38 -14.07
N PRO A 209 26.49 10.03 -14.14
CA PRO A 209 26.15 11.00 -13.10
C PRO A 209 25.18 10.54 -12.01
N PHE A 210 25.15 9.23 -11.85
CA PHE A 210 24.49 8.54 -10.74
C PHE A 210 25.17 8.87 -9.44
N ALA A 211 26.47 8.65 -9.41
CA ALA A 211 27.25 8.91 -8.22
C ALA A 211 26.83 10.26 -7.61
N SER A 212 26.83 11.36 -8.39
CA SER A 212 26.58 12.67 -7.79
C SER A 212 25.17 12.76 -7.18
N LEU A 213 24.32 11.72 -7.39
CA LEU A 213 22.89 11.80 -7.10
C LEU A 213 22.71 11.52 -5.64
N THR A 214 23.68 10.76 -5.18
CA THR A 214 23.71 10.26 -3.83
C THR A 214 23.81 11.38 -2.83
N GLU A 215 24.43 12.48 -3.21
CA GLU A 215 24.64 13.62 -2.34
C GLU A 215 23.39 14.50 -2.32
N ALA A 216 22.36 14.23 -3.12
CA ALA A 216 21.26 15.21 -3.21
C ALA A 216 20.19 14.97 -2.16
N VAL A 217 20.44 14.03 -1.25
CA VAL A 217 19.43 13.78 -0.25
C VAL A 217 19.97 14.57 0.90
N ARG A 218 19.05 14.92 1.78
CA ARG A 218 19.36 15.69 2.97
C ARG A 218 20.19 14.82 3.93
N SER A 219 20.93 15.44 4.87
CA SER A 219 21.90 14.81 5.78
C SER A 219 21.25 13.79 6.72
N SER A 220 20.05 14.16 7.16
CA SER A 220 19.19 13.45 8.08
C SER A 220 18.70 12.12 7.51
N VAL A 221 18.73 11.97 6.16
CA VAL A 221 18.09 10.85 5.47
C VAL A 221 19.06 9.68 5.35
N PRO A 222 18.67 8.52 5.92
CA PRO A 222 19.44 7.27 5.82
C PRO A 222 19.65 6.83 4.37
N ARG A 223 20.90 6.50 4.02
CA ARG A 223 21.29 5.85 2.76
C ARG A 223 21.65 4.39 3.03
N LEU A 224 20.80 3.50 2.57
CA LEU A 224 21.02 2.08 2.79
C LEU A 224 21.49 1.46 1.50
N LEU A 225 22.71 0.89 1.49
CA LEU A 225 23.17 0.08 0.39
C LEU A 225 23.19 -1.41 0.75
N ILE A 226 22.70 -2.23 -0.16
CA ILE A 226 22.73 -3.70 -0.20
C ILE A 226 23.29 -4.16 -1.57
N ASN A 227 24.43 -4.80 -1.50
CA ASN A 227 25.36 -4.84 -2.59
C ASN A 227 26.66 -5.47 -2.11
N ARG A 228 27.45 -6.08 -3.03
CA ARG A 228 28.63 -6.82 -2.62
C ARG A 228 29.74 -5.86 -2.15
N ASP A 229 29.78 -4.59 -2.64
CA ASP A 229 30.85 -3.65 -2.35
C ASP A 229 30.32 -2.22 -2.30
N LEU A 230 31.24 -1.26 -2.01
CA LEU A 230 30.91 0.13 -1.70
C LEU A 230 31.45 1.16 -2.70
N VAL A 231 32.59 0.83 -3.31
CA VAL A 231 33.36 1.50 -4.36
C VAL A 231 33.07 3.00 -4.52
N GLY A 232 31.81 3.39 -4.71
CA GLY A 232 31.49 4.74 -5.12
C GLY A 232 31.46 5.76 -3.99
N PRO A 233 30.54 6.74 -4.08
CA PRO A 233 30.51 7.87 -3.16
C PRO A 233 29.96 7.64 -1.76
N LEU A 234 29.41 6.45 -1.55
CA LEU A 234 29.21 6.07 -0.16
C LEU A 234 30.56 5.91 0.51
N ALA A 235 31.58 5.54 -0.27
CA ALA A 235 32.93 5.47 0.25
C ALA A 235 33.58 6.82 0.18
N TRP A 236 33.42 7.59 -0.87
CA TRP A 236 34.22 8.77 -0.97
C TRP A 236 33.83 9.84 0.06
N HIS A 237 32.54 9.83 0.50
CA HIS A 237 31.91 10.94 1.19
C HIS A 237 30.88 10.33 2.12
N PRO A 238 31.27 9.44 3.05
CA PRO A 238 30.30 8.75 3.92
C PRO A 238 29.51 9.73 4.79
N ARG A 239 28.30 9.32 5.21
CA ARG A 239 27.50 10.11 6.11
C ARG A 239 27.02 9.29 7.30
N SER A 240 26.64 9.97 8.38
CA SER A 240 26.43 9.29 9.67
C SER A 240 25.25 8.34 9.58
N ARG A 241 24.25 8.65 8.74
CA ARG A 241 23.07 7.81 8.67
C ARG A 241 23.21 6.72 7.60
N ASP A 242 24.42 6.53 7.07
CA ASP A 242 24.63 5.47 6.09
C ASP A 242 24.61 4.08 6.74
N VAL A 243 24.13 3.11 5.97
CA VAL A 243 24.08 1.73 6.36
C VAL A 243 24.42 0.89 5.14
N ALA A 244 25.49 0.09 5.26
CA ALA A 244 25.98 -0.85 4.29
C ALA A 244 25.77 -2.28 4.72
N GLN A 245 25.16 -3.07 3.86
CA GLN A 245 24.79 -4.47 4.06
C GLN A 245 25.42 -5.22 2.90
N LEU A 246 26.72 -5.35 3.05
CA LEU A 246 27.53 -5.93 2.02
C LEU A 246 27.43 -7.44 1.95
N GLY A 247 27.39 -7.87 0.69
CA GLY A 247 27.34 -9.25 0.26
C GLY A 247 26.24 -9.40 -0.77
N ASP A 248 25.75 -10.64 -0.84
CA ASP A 248 24.88 -11.10 -1.90
C ASP A 248 23.57 -10.35 -1.83
N VAL A 249 23.09 -9.91 -2.98
CA VAL A 249 22.00 -8.97 -2.98
C VAL A 249 20.76 -9.66 -2.41
N VAL A 250 20.37 -10.80 -3.00
CA VAL A 250 19.19 -11.54 -2.59
C VAL A 250 19.17 -11.78 -1.07
N HIS A 251 20.27 -12.22 -0.51
CA HIS A 251 20.41 -12.45 0.91
C HIS A 251 20.07 -11.15 1.65
N GLY A 252 20.69 -10.05 1.20
CA GLY A 252 20.57 -8.77 1.86
C GLY A 252 19.11 -8.45 1.96
N VAL A 253 18.44 -8.61 0.81
CA VAL A 253 17.04 -8.26 0.72
C VAL A 253 16.15 -9.22 1.54
N GLU A 254 16.44 -10.52 1.52
CA GLU A 254 15.78 -11.48 2.38
C GLU A 254 15.87 -11.02 3.86
N SER A 255 17.04 -10.57 4.31
CA SER A 255 17.14 -10.13 5.67
C SER A 255 16.21 -8.99 5.97
N LEU A 256 16.19 -8.05 5.01
CA LEU A 256 15.47 -6.80 5.20
C LEU A 256 13.96 -7.10 5.21
N VAL A 257 13.49 -7.99 4.33
CA VAL A 257 12.10 -8.40 4.42
C VAL A 257 11.79 -9.11 5.73
N GLU A 258 12.69 -9.94 6.24
CA GLU A 258 12.40 -10.56 7.54
C GLU A 258 12.24 -9.46 8.58
N LEU A 259 13.16 -8.50 8.60
CA LEU A 259 13.11 -7.40 9.59
C LEU A 259 11.86 -6.52 9.39
N LEU A 260 11.28 -6.47 8.19
CA LEU A 260 10.07 -5.71 7.97
C LEU A 260 8.84 -6.43 8.48
N GLY A 261 9.01 -7.75 8.61
CA GLY A 261 7.93 -8.66 8.83
C GLY A 261 7.16 -8.98 7.54
N TRP A 262 7.79 -9.01 6.34
CA TRP A 262 6.99 -9.10 5.12
C TRP A 262 7.20 -10.39 4.34
N THR A 263 7.92 -11.35 4.89
CA THR A 263 8.36 -12.45 4.04
C THR A 263 7.15 -13.21 3.50
N GLU A 264 6.15 -13.40 4.36
CA GLU A 264 4.94 -14.16 3.96
C GLU A 264 4.13 -13.36 2.92
N GLU A 265 4.13 -12.04 3.02
CA GLU A 265 3.30 -11.27 2.10
C GLU A 265 3.94 -11.24 0.72
N MET A 266 5.28 -11.12 0.75
CA MET A 266 6.18 -11.26 -0.38
C MET A 266 5.90 -12.59 -1.05
N ARG A 267 6.12 -13.64 -0.28
CA ARG A 267 5.73 -14.96 -0.73
C ARG A 267 4.38 -14.96 -1.42
N ASP A 268 3.34 -14.32 -0.85
CA ASP A 268 2.02 -14.38 -1.50
C ASP A 268 2.03 -13.69 -2.87
N LEU A 269 2.81 -12.60 -2.90
CA LEU A 269 2.80 -11.74 -4.08
C LEU A 269 3.53 -12.41 -5.24
N VAL A 270 4.69 -12.95 -4.87
CA VAL A 270 5.48 -13.70 -5.85
C VAL A 270 4.56 -14.74 -6.47
N GLN A 271 3.95 -15.58 -5.61
CA GLN A 271 3.03 -16.61 -6.03
C GLN A 271 2.00 -16.03 -6.97
N ARG A 272 1.41 -14.89 -6.67
CA ARG A 272 0.32 -14.55 -7.58
C ARG A 272 0.79 -14.07 -8.95
N GLU A 273 1.98 -13.49 -8.94
CA GLU A 273 2.36 -12.88 -10.18
C GLU A 273 2.94 -14.00 -11.01
N THR A 274 3.61 -14.97 -10.40
CA THR A 274 4.22 -16.02 -11.22
C THR A 274 3.13 -16.59 -12.07
N GLY A 275 1.96 -16.79 -11.48
CA GLY A 275 0.83 -17.35 -12.21
C GLY A 275 0.03 -16.35 -13.06
N LYS A 276 0.58 -15.21 -13.50
CA LYS A 276 -0.22 -14.18 -14.17
C LYS A 276 0.29 -13.84 -15.58
N GLN B 1 19.65 16.32 -20.68
CA GLN B 1 20.86 16.90 -21.32
C GLN B 1 22.18 16.25 -20.83
N PRO B 2 22.34 15.62 -19.65
CA PRO B 2 23.63 14.98 -19.29
C PRO B 2 23.98 13.61 -19.92
N LYS B 3 25.28 13.32 -20.03
CA LYS B 3 25.71 12.37 -21.04
C LYS B 3 26.03 11.03 -20.39
CAL FDL B 4 34.69 7.33 -19.14
CAD FDL B 4 33.55 6.34 -19.01
CAC FDL B 4 33.82 4.99 -18.78
CAB FDL B 4 32.76 4.07 -18.67
OAK FDL B 4 33.01 2.75 -18.43
OAA FDL B 4 31.46 4.50 -18.79
CAF FDL B 4 31.18 5.83 -19.03
CAG FDL B 4 29.85 6.25 -19.14
CAE FDL B 4 32.22 6.78 -19.14
CAH FDL B 4 31.91 8.12 -19.37
CAI FDL B 4 30.57 8.51 -19.50
CAJ FDL B 4 29.54 7.58 -19.40
NAM FDL B 4 28.23 7.97 -19.45
C FDL B 4 27.60 8.39 -20.56
O FDL B 4 28.18 8.62 -21.64
CA FDL B 4 26.10 8.64 -20.41
N FDL B 4 25.75 9.89 -20.99
CB FDL B 4 25.27 7.55 -21.07
CAS FDL B 4 25.68 6.16 -20.59
CAT FDL B 4 24.73 5.10 -21.18
CAU FDL B 4 25.29 3.71 -21.04
NAV FDL B 4 24.38 2.69 -21.52
CAW FDL B 4 24.35 1.49 -20.93
OAY FDL B 4 25.06 1.22 -20.00
CAX FDL B 4 23.38 0.51 -21.50
N LYS C 5 -23.76 10.11 -14.39
CA LYS C 5 -23.79 9.12 -13.29
C LYS C 5 -22.45 8.37 -13.40
N LEU C 6 -21.69 8.38 -12.29
CA LEU C 6 -20.47 7.60 -12.16
C LEU C 6 -20.83 6.18 -11.80
N SER C 7 -19.90 5.27 -12.04
CA SER C 7 -20.20 3.86 -11.85
C SER C 7 -19.32 3.21 -10.77
N LEU C 8 -19.74 2.03 -10.37
CA LEU C 8 -18.90 1.26 -9.51
C LEU C 8 -17.54 1.06 -10.13
N GLN C 9 -17.55 0.56 -11.36
CA GLN C 9 -16.29 0.26 -11.99
C GLN C 9 -15.53 1.57 -12.19
N ASP C 10 -16.25 2.65 -12.52
CA ASP C 10 -15.49 3.92 -12.60
C ASP C 10 -14.70 4.13 -11.32
N VAL C 11 -15.45 4.04 -10.21
CA VAL C 11 -14.86 4.26 -8.91
C VAL C 11 -13.62 3.43 -8.80
N ALA C 12 -13.77 2.14 -9.11
CA ALA C 12 -12.67 1.21 -8.93
C ALA C 12 -11.55 1.69 -9.81
N GLU C 13 -11.91 2.18 -10.97
CA GLU C 13 -10.84 2.55 -11.94
C GLU C 13 -10.05 3.71 -11.34
N LEU C 14 -10.75 4.63 -10.68
CA LEU C 14 -10.07 5.78 -10.07
C LEU C 14 -9.12 5.31 -9.00
N ILE C 15 -9.59 4.31 -8.27
CA ILE C 15 -8.76 3.81 -7.19
C ILE C 15 -7.56 3.09 -7.77
N ARG C 16 -7.77 2.21 -8.74
CA ARG C 16 -6.67 1.44 -9.35
C ARG C 16 -5.62 2.45 -9.79
N ALA C 17 -6.08 3.52 -10.43
CA ALA C 17 -5.20 4.58 -10.87
C ALA C 17 -4.54 5.40 -9.74
N ARG C 18 -4.63 4.97 -8.48
CA ARG C 18 -4.36 5.73 -7.27
C ARG C 18 -4.71 7.22 -7.47
N ALA C 19 -5.66 7.58 -8.35
CA ALA C 19 -6.19 8.94 -8.40
C ALA C 19 -7.00 9.28 -7.13
N CYS C 20 -7.40 8.24 -6.39
CA CYS C 20 -8.01 8.33 -5.10
C CYS C 20 -7.08 7.71 -4.08
N GLN C 21 -6.37 8.55 -3.30
CA GLN C 21 -5.35 8.07 -2.36
C GLN C 21 -5.63 8.54 -0.93
N ARG C 22 -6.81 9.20 -0.75
CA ARG C 22 -7.15 9.75 0.56
C ARG C 22 -8.61 9.44 0.90
N VAL C 23 -8.84 8.18 1.09
CA VAL C 23 -10.18 7.71 1.27
C VAL C 23 -10.58 7.89 2.70
N VAL C 24 -11.83 8.36 2.83
CA VAL C 24 -12.31 8.36 4.19
C VAL C 24 -13.46 7.37 4.26
N VAL C 25 -13.53 6.59 5.36
CA VAL C 25 -14.57 5.58 5.38
C VAL C 25 -15.42 5.74 6.60
N MET C 26 -16.71 5.44 6.46
CA MET C 26 -17.63 5.51 7.56
C MET C 26 -18.38 4.19 7.62
N VAL C 27 -18.39 3.51 8.77
CA VAL C 27 -19.01 2.19 8.76
C VAL C 27 -19.93 2.08 9.95
N GLY C 28 -20.86 1.16 9.79
CA GLY C 28 -21.84 0.88 10.82
C GLY C 28 -22.03 -0.60 10.95
N ALA C 29 -23.20 -0.93 11.46
CA ALA C 29 -23.51 -2.26 11.94
C ALA C 29 -23.57 -3.25 10.81
N GLY C 30 -23.94 -2.79 9.60
CA GLY C 30 -23.95 -3.61 8.41
C GLY C 30 -22.68 -4.43 8.15
N ILE C 31 -21.54 -3.99 8.64
CA ILE C 31 -20.33 -4.76 8.36
C ILE C 31 -20.00 -5.69 9.50
N SER C 32 -20.70 -5.60 10.63
CA SER C 32 -20.44 -6.38 11.83
C SER C 32 -21.23 -7.69 11.80
N THR C 33 -22.54 -7.58 11.56
CA THR C 33 -23.46 -8.72 11.51
C THR C 33 -22.81 -9.90 10.76
N PRO C 34 -22.10 -9.77 9.62
CA PRO C 34 -21.48 -10.94 9.01
C PRO C 34 -20.35 -11.55 9.82
N SER C 35 -19.83 -10.83 10.83
CA SER C 35 -18.90 -11.47 11.74
C SER C 35 -19.65 -12.28 12.79
N GLY C 36 -20.98 -12.39 12.67
CA GLY C 36 -21.81 -13.10 13.66
C GLY C 36 -22.35 -12.19 14.77
N ILE C 37 -21.93 -10.91 14.87
CA ILE C 37 -22.45 -9.97 15.85
C ILE C 37 -23.98 -9.89 15.72
N PRO C 38 -24.76 -10.21 16.79
CA PRO C 38 -26.23 -10.12 16.73
C PRO C 38 -26.70 -8.69 16.85
N ASP C 39 -27.91 -8.36 16.33
CA ASP C 39 -28.30 -6.95 16.19
C ASP C 39 -29.47 -6.61 17.12
N PHE C 40 -30.06 -5.42 16.90
CA PHE C 40 -30.54 -4.60 18.02
C PHE C 40 -31.86 -3.86 17.78
N ARG C 41 -31.73 -2.63 17.26
CA ARG C 41 -32.54 -2.24 16.12
C ARG C 41 -32.64 -3.48 15.23
N SER C 42 -33.56 -4.38 15.60
CA SER C 42 -33.76 -5.65 14.90
C SER C 42 -35.19 -6.13 15.18
N PRO C 43 -36.07 -6.22 14.15
CA PRO C 43 -37.51 -6.43 14.35
C PRO C 43 -37.88 -7.84 14.84
N GLY C 44 -37.74 -8.04 16.15
CA GLY C 44 -37.76 -9.36 16.76
C GLY C 44 -36.33 -9.87 16.92
N SER C 45 -35.49 -9.06 17.58
CA SER C 45 -34.14 -9.51 17.90
C SER C 45 -34.27 -10.98 18.33
N GLY C 46 -33.13 -11.62 18.62
CA GLY C 46 -33.06 -13.04 18.97
C GLY C 46 -31.92 -13.23 19.95
N LEU C 47 -30.89 -12.39 19.76
CA LEU C 47 -30.20 -11.66 20.81
C LEU C 47 -31.05 -11.39 22.07
N TYR C 48 -32.24 -10.79 21.90
CA TYR C 48 -33.03 -10.34 23.07
C TYR C 48 -33.08 -11.44 24.09
N SER C 49 -33.23 -12.66 23.61
CA SER C 49 -33.27 -13.81 24.51
C SER C 49 -32.42 -13.52 25.74
N ASN C 50 -31.19 -13.03 25.49
CA ASN C 50 -30.20 -12.87 26.58
C ASN C 50 -30.31 -11.56 27.35
N LEU C 51 -30.91 -10.51 26.80
CA LEU C 51 -30.88 -9.21 27.55
C LEU C 51 -32.26 -8.84 28.07
N GLN C 52 -33.33 -9.30 27.43
CA GLN C 52 -34.68 -8.93 27.81
C GLN C 52 -35.28 -9.91 28.84
N GLN C 53 -34.45 -10.83 29.33
CA GLN C 53 -34.96 -11.72 30.41
C GLN C 53 -35.39 -10.82 31.58
N ASP C 55 -35.29 -7.91 31.95
CA ASP C 55 -36.23 -6.87 31.43
C ASP C 55 -35.38 -5.78 30.77
N LEU C 56 -35.63 -5.57 29.49
CA LEU C 56 -35.13 -4.41 28.79
C LEU C 56 -36.33 -3.78 28.11
N PRO C 57 -36.77 -2.56 28.48
CA PRO C 57 -38.07 -2.06 28.05
C PRO C 57 -38.04 -1.57 26.60
N TYR C 58 -36.86 -1.53 25.96
CA TYR C 58 -36.63 -0.84 24.72
C TYR C 58 -35.10 -0.87 24.56
N PRO C 59 -34.58 -1.19 23.34
CA PRO C 59 -33.15 -1.36 23.15
C PRO C 59 -32.21 -0.23 23.50
N GLU C 60 -32.64 1.01 23.32
CA GLU C 60 -31.70 2.09 23.54
C GLU C 60 -31.31 2.14 25.03
N ALA C 61 -32.16 1.60 25.90
CA ALA C 61 -31.88 1.58 27.32
C ALA C 61 -30.51 0.99 27.59
N ILE C 62 -30.09 0.08 26.73
CA ILE C 62 -28.84 -0.57 27.00
C ILE C 62 -27.75 0.48 26.94
N PHE C 63 -28.02 1.67 26.39
CA PHE C 63 -26.99 2.69 26.45
C PHE C 63 -27.55 4.00 26.97
N GLU C 64 -28.48 3.86 27.88
CA GLU C 64 -28.91 5.01 28.66
C GLU C 64 -28.33 4.84 30.04
N LEU C 65 -27.56 5.82 30.49
CA LEU C 65 -26.89 5.71 31.81
C LEU C 65 -27.90 5.54 32.97
N PRO C 66 -29.02 6.28 33.05
CA PRO C 66 -30.02 6.06 34.08
C PRO C 66 -30.34 4.57 34.16
N PHE C 67 -30.74 4.02 33.07
CA PHE C 67 -31.20 2.64 33.06
C PHE C 67 -30.07 1.73 33.52
N PHE C 68 -28.89 2.04 32.99
CA PHE C 68 -27.72 1.30 33.39
C PHE C 68 -27.52 1.27 34.93
N PHE C 69 -27.68 2.40 35.62
CA PHE C 69 -27.46 2.33 37.04
C PHE C 69 -28.58 1.55 37.73
N HIS C 70 -29.80 1.62 37.22
CA HIS C 70 -30.88 0.81 37.73
C HIS C 70 -30.68 -0.68 37.40
N ASN C 71 -30.05 -1.02 36.28
CA ASN C 71 -29.85 -2.43 35.98
C ASN C 71 -28.78 -2.59 34.93
N PRO C 72 -27.52 -2.80 35.33
CA PRO C 72 -26.41 -3.04 34.40
C PRO C 72 -26.32 -4.43 33.82
N LYS C 73 -27.20 -5.36 34.25
CA LYS C 73 -27.10 -6.74 33.76
C LYS C 73 -27.11 -6.69 32.22
N PRO C 74 -28.16 -6.14 31.57
CA PRO C 74 -28.26 -6.25 30.11
C PRO C 74 -27.01 -5.73 29.42
N PHE C 75 -26.51 -4.57 29.89
CA PHE C 75 -25.36 -4.02 29.17
C PHE C 75 -24.18 -4.96 29.31
N PHE C 76 -23.93 -5.41 30.54
CA PHE C 76 -22.78 -6.31 30.75
C PHE C 76 -23.04 -7.69 30.09
N THR C 77 -24.30 -8.04 29.86
CA THR C 77 -24.44 -9.24 29.06
C THR C 77 -23.83 -8.95 27.71
N LEU C 78 -24.20 -7.84 27.06
CA LEU C 78 -23.59 -7.47 25.76
C LEU C 78 -22.06 -7.44 25.87
N ALA C 79 -21.52 -6.78 26.88
CA ALA C 79 -20.06 -6.71 26.94
C ALA C 79 -19.40 -8.07 27.01
N LYS C 80 -20.09 -9.06 27.60
CA LYS C 80 -19.54 -10.40 27.69
C LYS C 80 -19.46 -10.95 26.26
N GLU C 81 -20.57 -10.77 25.54
CA GLU C 81 -20.69 -11.08 24.12
C GLU C 81 -19.53 -10.45 23.36
N LEU C 82 -19.41 -9.12 23.42
CA LEU C 82 -18.47 -8.42 22.51
C LEU C 82 -17.06 -8.22 23.08
N TYR C 83 -16.73 -8.89 24.17
CA TYR C 83 -15.41 -8.66 24.73
C TYR C 83 -14.40 -9.21 23.72
N PRO C 84 -13.20 -8.59 23.65
CA PRO C 84 -12.12 -9.13 22.85
C PRO C 84 -12.02 -10.63 23.01
N GLY C 85 -11.71 -11.22 21.86
CA GLY C 85 -11.30 -12.60 21.79
C GLY C 85 -12.35 -13.35 21.01
N ASN C 86 -13.59 -12.89 21.17
CA ASN C 86 -14.74 -13.68 20.79
C ASN C 86 -14.84 -13.61 19.26
N TYR C 87 -15.44 -12.54 18.70
CA TYR C 87 -15.73 -12.54 17.27
C TYR C 87 -14.50 -12.17 16.45
N LYS C 88 -14.63 -12.34 15.17
CA LYS C 88 -13.50 -12.07 14.30
C LYS C 88 -13.93 -11.26 13.08
N PRO C 89 -12.95 -10.49 12.60
CA PRO C 89 -13.10 -9.56 11.47
C PRO C 89 -13.51 -10.29 10.22
N ASN C 90 -14.47 -9.79 9.49
CA ASN C 90 -14.88 -10.44 8.29
C ASN C 90 -14.20 -9.77 7.12
N VAL C 91 -14.78 -10.02 5.96
CA VAL C 91 -14.12 -9.70 4.71
C VAL C 91 -14.11 -8.18 4.58
N THR C 92 -15.10 -7.52 5.13
CA THR C 92 -15.20 -6.09 4.85
C THR C 92 -14.13 -5.36 5.62
N HIS C 93 -13.83 -5.79 6.86
CA HIS C 93 -12.73 -5.31 7.64
C HIS C 93 -11.46 -5.45 6.81
N TYR C 94 -11.30 -6.64 6.20
CA TYR C 94 -10.00 -6.98 5.65
C TYR C 94 -9.88 -6.15 4.37
N PHE C 95 -10.99 -5.87 3.70
CA PHE C 95 -10.89 -4.93 2.61
C PHE C 95 -10.44 -3.52 3.07
N LEU C 96 -10.91 -3.02 4.18
CA LEU C 96 -10.46 -1.75 4.68
C LEU C 96 -9.03 -1.88 5.14
N ARG C 97 -8.67 -3.05 5.72
CA ARG C 97 -7.28 -3.32 6.06
C ARG C 97 -6.35 -3.19 4.83
N LEU C 98 -6.79 -3.76 3.73
CA LEU C 98 -5.98 -3.72 2.52
C LEU C 98 -5.91 -2.28 1.99
N LEU C 99 -7.00 -1.49 2.10
CA LEU C 99 -6.97 -0.07 1.75
CA LEU C 99 -6.94 -0.08 1.71
C LEU C 99 -5.79 0.65 2.41
N HIS C 100 -5.77 0.59 3.73
CA HIS C 100 -4.71 1.15 4.55
C HIS C 100 -3.34 0.61 4.17
N ASP C 101 -3.25 -0.68 3.83
CA ASP C 101 -1.96 -1.31 3.67
C ASP C 101 -1.33 -0.80 2.40
N LYS C 102 -2.16 -0.34 1.49
CA LYS C 102 -1.73 0.24 0.25
C LYS C 102 -1.66 1.76 0.39
N GLY C 103 -1.73 2.30 1.61
CA GLY C 103 -1.56 3.72 1.85
C GLY C 103 -2.69 4.59 1.29
N LEU C 104 -3.87 4.05 1.06
CA LEU C 104 -5.03 4.75 0.58
C LEU C 104 -6.01 5.20 1.68
N LEU C 105 -5.79 4.83 2.95
CA LEU C 105 -6.80 5.23 3.93
C LEU C 105 -6.36 6.38 4.82
N LEU C 106 -7.08 7.48 4.71
CA LEU C 106 -6.80 8.60 5.56
C LEU C 106 -7.38 8.38 6.97
N ARG C 107 -8.67 8.00 7.03
CA ARG C 107 -9.33 7.81 8.28
C ARG C 107 -10.53 6.86 8.13
N LEU C 108 -10.75 6.08 9.14
CA LEU C 108 -11.94 5.27 9.20
C LEU C 108 -12.71 5.60 10.48
N TYR C 109 -14.03 5.87 10.30
CA TYR C 109 -14.92 6.31 11.33
C TYR C 109 -15.93 5.20 11.53
N THR C 110 -16.03 4.58 12.71
CA THR C 110 -16.93 3.46 12.91
C THR C 110 -17.97 3.82 13.97
N GLN C 111 -19.20 3.36 13.72
CA GLN C 111 -20.26 3.41 14.68
C GLN C 111 -20.27 2.11 15.47
N ASN C 112 -19.49 1.10 15.04
CA ASN C 112 -19.54 -0.18 15.76
C ASN C 112 -18.66 -0.11 17.01
N ILE C 113 -18.89 -0.98 17.97
CA ILE C 113 -18.14 -1.04 19.23
C ILE C 113 -17.49 -2.40 19.32
N ASP C 114 -17.50 -3.19 18.25
CA ASP C 114 -17.05 -4.58 18.35
C ASP C 114 -15.54 -4.64 18.28
N GLY C 115 -14.85 -3.51 17.95
CA GLY C 115 -13.40 -3.48 17.97
C GLY C 115 -12.83 -4.27 16.81
N LEU C 116 -13.63 -4.56 15.78
CA LEU C 116 -13.09 -5.50 14.77
C LEU C 116 -12.09 -4.83 13.81
N GLU C 117 -12.18 -3.51 13.64
CA GLU C 117 -11.22 -2.70 12.89
C GLU C 117 -9.79 -2.80 13.46
N ARG C 118 -9.59 -2.64 14.75
CA ARG C 118 -8.27 -2.81 15.33
C ARG C 118 -7.86 -4.27 15.10
N VAL C 119 -8.78 -5.16 15.44
CA VAL C 119 -8.40 -6.57 15.37
C VAL C 119 -7.89 -6.86 13.95
N SER C 120 -8.65 -6.45 12.94
CA SER C 120 -8.34 -6.62 11.53
C SER C 120 -6.92 -6.16 11.22
N GLY C 121 -6.31 -5.31 12.03
CA GLY C 121 -4.95 -4.86 11.75
C GLY C 121 -4.90 -3.35 11.46
N ILE C 122 -6.00 -2.61 11.61
CA ILE C 122 -5.89 -1.20 11.33
C ILE C 122 -5.34 -0.50 12.55
N PRO C 123 -4.24 0.28 12.40
CA PRO C 123 -3.78 1.06 13.55
C PRO C 123 -4.74 2.09 14.09
N ALA C 124 -4.54 2.44 15.36
CA ALA C 124 -5.44 3.34 16.07
C ALA C 124 -5.45 4.75 15.50
N SER C 125 -4.30 5.23 15.06
CA SER C 125 -4.15 6.53 14.43
C SER C 125 -5.01 6.70 13.16
N LYS C 126 -5.52 5.60 12.56
CA LYS C 126 -6.31 5.65 11.33
C LYS C 126 -7.77 5.59 11.66
N LEU C 127 -8.07 5.48 12.95
CA LEU C 127 -9.39 5.02 13.36
C LEU C 127 -10.07 6.10 14.13
N VAL C 128 -11.37 6.27 13.92
CA VAL C 128 -12.15 6.87 14.97
C VAL C 128 -13.34 6.01 15.37
N GLU C 129 -13.27 5.64 16.64
CA GLU C 129 -14.21 4.81 17.31
C GLU C 129 -15.24 5.70 17.99
N ALA C 130 -16.17 6.04 17.14
CA ALA C 130 -17.05 7.10 17.54
C ALA C 130 -17.94 6.69 18.68
N HIS C 131 -18.21 5.38 18.86
CA HIS C 131 -19.07 5.05 19.96
C HIS C 131 -18.30 4.40 21.11
N GLY C 132 -17.01 4.68 21.23
CA GLY C 132 -16.21 4.09 22.27
C GLY C 132 -15.66 2.72 21.85
N THR C 133 -15.20 1.97 22.87
CA THR C 133 -14.50 0.68 22.79
C THR C 133 -14.53 0.01 24.15
N PHE C 134 -14.50 -1.33 24.09
CA PHE C 134 -14.15 -2.18 25.22
C PHE C 134 -12.67 -2.26 25.59
N ALA C 135 -11.76 -1.77 24.78
CA ALA C 135 -10.34 -1.86 25.10
C ALA C 135 -10.06 -1.28 26.50
N SER C 136 -10.98 -0.52 27.06
CA SER C 136 -10.69 0.24 28.26
C SER C 136 -11.98 0.65 29.01
N ALA C 137 -11.80 1.17 30.23
CA ALA C 137 -12.95 1.58 31.03
C ALA C 137 -12.60 2.64 32.07
N THR C 138 -13.70 3.12 32.67
CA THR C 138 -13.79 4.30 33.53
C THR C 138 -14.80 4.01 34.64
N CYS C 139 -14.32 4.24 35.85
CA CYS C 139 -15.19 4.29 37.02
C CYS C 139 -16.22 5.40 36.92
N THR C 140 -17.47 5.02 36.98
CA THR C 140 -18.59 5.94 36.80
C THR C 140 -18.64 7.02 37.91
N VAL C 141 -18.02 6.82 39.07
CA VAL C 141 -18.10 7.84 40.12
C VAL C 141 -16.79 8.63 40.17
N CYS C 142 -15.67 7.90 40.36
CA CYS C 142 -14.41 8.54 40.68
C CYS C 142 -13.67 8.93 39.40
N GLN C 143 -14.14 8.45 38.26
CA GLN C 143 -13.51 8.66 36.97
C GLN C 143 -12.11 8.07 36.80
N ARG C 144 -11.58 7.21 37.73
CA ARG C 144 -10.32 6.50 37.55
C ARG C 144 -10.47 5.76 36.23
N PRO C 145 -9.41 5.54 35.39
CA PRO C 145 -9.47 4.68 34.23
C PRO C 145 -8.74 3.37 34.50
N PHE C 146 -8.98 2.37 33.63
CA PHE C 146 -8.62 0.96 33.76
C PHE C 146 -8.38 0.33 32.36
N PRO C 147 -7.26 -0.39 32.09
CA PRO C 147 -7.23 -1.23 30.92
C PRO C 147 -8.47 -2.10 30.90
N GLY C 148 -8.86 -2.52 29.71
CA GLY C 148 -10.00 -3.40 29.50
C GLY C 148 -9.90 -4.74 30.22
N GLU C 149 -8.67 -5.26 30.32
CA GLU C 149 -8.46 -6.65 30.74
C GLU C 149 -8.59 -6.75 32.25
N ASP C 150 -8.30 -5.69 32.99
CA ASP C 150 -8.45 -5.72 34.43
C ASP C 150 -9.90 -5.99 34.86
N ILE C 151 -10.87 -6.00 33.94
CA ILE C 151 -12.22 -6.35 34.37
C ILE C 151 -12.77 -7.56 33.64
N ARG C 152 -11.95 -8.12 32.71
CA ARG C 152 -12.27 -9.33 31.97
C ARG C 152 -12.99 -10.36 32.85
N ALA C 153 -12.41 -10.69 34.05
CA ALA C 153 -12.89 -11.81 34.88
C ALA C 153 -14.32 -11.56 35.28
N ASP C 154 -14.45 -10.40 35.91
CA ASP C 154 -15.74 -10.04 36.48
C ASP C 154 -16.82 -10.13 35.39
N VAL C 155 -16.52 -9.54 34.23
CA VAL C 155 -17.46 -9.53 33.11
C VAL C 155 -17.61 -10.96 32.60
N MET C 156 -16.47 -11.66 32.53
CA MET C 156 -16.54 -13.05 32.09
C MET C 156 -17.30 -13.90 33.10
N ALA C 157 -17.45 -13.42 34.35
CA ALA C 157 -18.26 -14.14 35.33
C ALA C 157 -19.55 -13.45 35.75
N ASP C 158 -20.06 -12.47 34.97
CA ASP C 158 -21.28 -11.77 35.34
C ASP C 158 -21.24 -11.15 36.74
N ARG C 159 -20.04 -10.71 37.12
CA ARG C 159 -19.86 -9.79 38.20
C ARG C 159 -19.81 -8.39 37.61
N VAL C 160 -20.69 -7.50 38.10
CA VAL C 160 -20.57 -6.07 37.86
C VAL C 160 -19.23 -5.64 38.43
N PRO C 161 -18.28 -5.18 37.62
CA PRO C 161 -17.02 -4.66 38.18
C PRO C 161 -17.19 -3.40 39.05
N ARG C 162 -16.32 -3.28 40.09
CA ARG C 162 -16.42 -2.32 41.16
C ARG C 162 -15.04 -1.65 41.35
N CYS C 163 -15.01 -0.33 41.55
CA CYS C 163 -13.80 0.47 41.66
C CYS C 163 -13.12 0.07 42.98
N PRO C 164 -11.79 -0.13 43.09
CA PRO C 164 -11.08 0.11 44.36
C PRO C 164 -11.25 1.49 45.01
N VAL C 165 -10.83 2.55 44.32
CA VAL C 165 -10.96 3.86 44.92
C VAL C 165 -12.28 3.84 45.71
N CYS C 166 -13.40 3.68 44.96
CA CYS C 166 -14.69 4.16 45.45
C CYS C 166 -15.74 3.03 45.43
N THR C 167 -15.34 1.81 45.04
CA THR C 167 -16.18 0.65 44.70
C THR C 167 -17.39 0.97 43.81
N GLY C 168 -17.48 2.19 43.24
CA GLY C 168 -18.44 2.55 42.21
C GLY C 168 -18.40 1.57 41.05
N VAL C 169 -19.30 1.73 40.09
CA VAL C 169 -19.33 0.79 38.96
C VAL C 169 -18.31 1.21 37.90
N VAL C 170 -17.46 0.25 37.49
CA VAL C 170 -16.47 0.47 36.45
C VAL C 170 -17.06 0.10 35.09
N LYS C 171 -17.17 1.08 34.20
CA LYS C 171 -17.95 0.95 32.98
C LYS C 171 -16.98 1.03 31.79
N PRO C 172 -16.98 0.05 30.89
CA PRO C 172 -16.17 0.16 29.68
C PRO C 172 -16.53 1.45 28.94
N ASP C 173 -15.56 1.97 28.14
CA ASP C 173 -15.66 3.28 27.54
C ASP C 173 -16.51 3.29 26.27
N ILE C 174 -17.63 2.60 26.36
CA ILE C 174 -18.68 2.82 25.37
C ILE C 174 -19.42 4.08 25.78
N VAL C 175 -19.87 4.80 24.74
CA VAL C 175 -20.55 6.07 24.80
C VAL C 175 -22.04 5.81 24.91
N PHE C 176 -22.66 6.34 26.02
CA PHE C 176 -24.11 6.23 26.23
C PHE C 176 -24.81 7.42 25.59
N PHE C 177 -26.15 7.21 25.38
CA PHE C 177 -27.07 8.24 24.94
C PHE C 177 -26.94 9.46 25.87
N GLY C 178 -26.80 10.63 25.24
CA GLY C 178 -26.65 11.87 25.97
C GLY C 178 -25.19 12.22 26.20
N GLU C 179 -24.23 11.31 26.02
CA GLU C 179 -22.88 11.71 26.39
C GLU C 179 -22.14 12.29 25.17
N PRO C 180 -21.10 13.10 25.41
CA PRO C 180 -20.24 13.51 24.33
C PRO C 180 -19.66 12.30 23.58
N LEU C 181 -19.60 12.48 22.28
CA LEU C 181 -18.59 11.74 21.54
C LEU C 181 -17.16 12.07 21.96
N PRO C 182 -16.28 11.09 21.73
CA PRO C 182 -14.86 11.23 22.02
C PRO C 182 -14.24 12.33 21.20
N GLN C 183 -13.02 12.64 21.59
CA GLN C 183 -12.32 13.82 21.15
C GLN C 183 -11.90 13.56 19.70
N ARG C 184 -11.50 12.32 19.42
CA ARG C 184 -11.05 12.03 18.07
C ARG C 184 -12.21 12.23 17.07
N PHE C 185 -13.46 12.25 17.47
CA PHE C 185 -14.48 12.41 16.46
C PHE C 185 -14.32 13.68 15.66
N LEU C 186 -13.72 14.68 16.32
CA LEU C 186 -13.79 16.06 15.87
C LEU C 186 -12.73 16.25 14.80
N LEU C 187 -11.90 15.23 14.58
CA LEU C 187 -11.11 15.19 13.37
C LEU C 187 -11.92 15.26 12.08
N HIS C 188 -13.23 15.10 12.15
CA HIS C 188 -13.94 15.00 10.89
C HIS C 188 -13.78 16.28 10.10
N VAL C 189 -13.62 17.39 10.81
CA VAL C 189 -13.66 18.72 10.20
C VAL C 189 -12.47 18.94 9.27
N VAL C 190 -11.35 18.28 9.58
CA VAL C 190 -10.19 18.31 8.71
C VAL C 190 -10.16 17.11 7.74
N ASP C 191 -10.60 15.93 8.20
CA ASP C 191 -10.48 14.74 7.38
C ASP C 191 -11.50 14.81 6.24
N PHE C 192 -12.75 15.22 6.48
CA PHE C 192 -13.64 15.06 5.39
C PHE C 192 -13.14 15.87 4.20
N PRO C 193 -12.80 17.17 4.37
CA PRO C 193 -12.53 18.07 3.24
C PRO C 193 -11.22 17.75 2.49
N MET C 194 -10.27 17.10 3.16
CA MET C 194 -9.05 16.60 2.59
C MET C 194 -9.20 15.32 1.80
N ALA C 195 -10.31 14.57 2.01
CA ALA C 195 -10.51 13.31 1.31
C ALA C 195 -10.76 13.52 -0.18
N ASP C 196 -10.37 12.51 -0.98
CA ASP C 196 -10.72 12.41 -2.39
C ASP C 196 -11.65 11.26 -2.65
N LEU C 197 -12.06 10.55 -1.57
CA LEU C 197 -13.08 9.54 -1.74
C LEU C 197 -13.68 9.38 -0.40
N LEU C 198 -15.03 9.41 -0.37
CA LEU C 198 -15.81 8.88 0.74
C LEU C 198 -16.47 7.56 0.39
N LEU C 199 -16.18 6.59 1.25
CA LEU C 199 -16.89 5.34 1.26
CA LEU C 199 -16.81 5.29 1.31
C LEU C 199 -17.64 5.19 2.57
N ILE C 200 -18.92 4.83 2.42
CA ILE C 200 -19.85 4.48 3.48
C ILE C 200 -20.33 3.05 3.33
N LEU C 201 -20.15 2.22 4.37
CA LEU C 201 -20.45 0.81 4.30
C LEU C 201 -21.29 0.43 5.48
N GLY C 202 -22.44 -0.17 5.21
CA GLY C 202 -23.18 -0.89 6.22
C GLY C 202 -23.78 0.02 7.27
N THR C 203 -24.17 1.22 6.80
CA THR C 203 -24.89 2.19 7.62
C THR C 203 -25.66 3.20 6.77
N SER C 204 -26.86 3.53 7.25
CA SER C 204 -27.70 4.55 6.66
C SER C 204 -27.11 5.96 6.86
N LEU C 205 -26.79 6.21 8.15
CA LEU C 205 -26.29 7.48 8.64
C LEU C 205 -27.47 8.46 8.80
N GLU C 206 -28.64 7.91 8.99
CA GLU C 206 -29.72 8.70 9.49
C GLU C 206 -29.53 8.80 11.00
N VAL C 207 -28.60 9.65 11.48
CA VAL C 207 -28.52 10.02 12.89
C VAL C 207 -27.41 11.03 12.89
N GLU C 208 -27.71 12.24 13.37
CA GLU C 208 -26.66 13.22 13.65
C GLU C 208 -25.90 12.68 14.88
N PRO C 209 -24.65 13.11 15.06
CA PRO C 209 -24.04 13.99 14.07
C PRO C 209 -23.40 13.38 12.82
N PHE C 210 -23.59 12.07 12.57
CA PHE C 210 -22.91 11.35 11.49
C PHE C 210 -23.40 11.79 10.12
N ALA C 211 -24.72 11.76 9.96
CA ALA C 211 -25.41 12.31 8.80
C ALA C 211 -24.72 13.55 8.20
N SER C 212 -24.57 14.56 9.03
CA SER C 212 -24.09 15.89 8.67
C SER C 212 -22.69 15.81 8.04
N LEU C 213 -21.94 14.74 8.30
CA LEU C 213 -20.54 14.64 7.88
C LEU C 213 -20.40 14.37 6.39
N THR C 214 -21.42 13.77 5.80
CA THR C 214 -21.32 13.51 4.39
C THR C 214 -21.38 14.79 3.58
N GLU C 215 -21.85 15.90 4.14
CA GLU C 215 -21.84 17.12 3.33
C GLU C 215 -20.47 17.80 3.42
N ALA C 216 -19.53 17.31 4.24
CA ALA C 216 -18.29 18.02 4.43
C ALA C 216 -17.25 17.62 3.41
N VAL C 217 -17.60 16.78 2.46
CA VAL C 217 -16.59 16.49 1.45
C VAL C 217 -16.91 17.44 0.35
N ARG C 218 -15.83 17.82 -0.33
CA ARG C 218 -15.90 18.77 -1.43
C ARG C 218 -16.87 18.22 -2.50
N SER C 219 -17.45 19.14 -3.30
CA SER C 219 -18.43 18.90 -4.33
C SER C 219 -18.00 17.84 -5.33
N SER C 220 -16.73 17.88 -5.72
CA SER C 220 -16.18 17.01 -6.76
C SER C 220 -15.93 15.57 -6.29
N VAL C 221 -16.02 15.31 -4.98
CA VAL C 221 -15.49 14.09 -4.39
C VAL C 221 -16.55 13.00 -4.41
N PRO C 222 -16.28 11.88 -5.12
CA PRO C 222 -17.15 10.67 -5.14
C PRO C 222 -17.59 10.20 -3.76
N ARG C 223 -18.90 10.08 -3.58
CA ARG C 223 -19.49 9.49 -2.40
C ARG C 223 -20.04 8.13 -2.81
N LEU C 224 -19.38 7.06 -2.35
CA LEU C 224 -19.83 5.73 -2.73
C LEU C 224 -20.44 5.10 -1.51
N LEU C 225 -21.77 4.79 -1.58
CA LEU C 225 -22.43 3.97 -0.56
C LEU C 225 -22.55 2.50 -0.93
N ILE C 226 -22.25 1.55 -0.02
CA ILE C 226 -22.64 0.15 -0.14
C ILE C 226 -23.42 -0.32 1.06
N ASN C 227 -24.68 -0.68 0.82
CA ASN C 227 -25.62 -0.77 1.93
C ASN C 227 -26.97 -1.25 1.42
N ARG C 228 -27.78 -1.84 2.30
CA ARG C 228 -29.07 -2.33 1.84
C ARG C 228 -29.95 -1.14 1.40
N ASP C 229 -29.88 -0.02 2.13
CA ASP C 229 -30.87 1.04 2.11
C ASP C 229 -30.13 2.35 1.89
N LEU C 230 -30.68 3.14 0.93
CA LEU C 230 -30.27 4.53 0.68
C LEU C 230 -31.09 5.34 1.68
N VAL C 231 -30.45 6.21 2.48
CA VAL C 231 -31.21 7.05 3.39
C VAL C 231 -30.24 8.09 3.88
N GLY C 232 -30.84 9.02 4.60
CA GLY C 232 -30.12 10.16 5.08
C GLY C 232 -29.68 11.05 3.93
N PRO C 233 -28.51 11.67 4.08
CA PRO C 233 -28.23 12.89 3.34
C PRO C 233 -28.09 12.54 1.87
N LEU C 234 -27.55 11.36 1.59
CA LEU C 234 -27.30 10.98 0.22
C LEU C 234 -28.59 10.93 -0.57
N ALA C 235 -29.66 10.60 0.17
CA ALA C 235 -31.01 10.51 -0.36
C ALA C 235 -31.54 11.90 -0.60
N TRP C 236 -31.39 12.83 0.35
CA TRP C 236 -32.10 14.09 0.20
C TRP C 236 -31.25 15.22 -0.33
N HIS C 237 -29.98 14.91 -0.59
CA HIS C 237 -29.01 15.87 -1.10
C HIS C 237 -28.11 15.07 -2.03
N PRO C 238 -28.62 14.43 -3.12
CA PRO C 238 -27.75 13.72 -4.04
C PRO C 238 -26.76 14.69 -4.64
N ARG C 239 -25.62 14.09 -5.04
CA ARG C 239 -24.64 14.81 -5.84
C ARG C 239 -24.24 13.96 -7.03
N SER C 240 -23.68 14.63 -8.04
CA SER C 240 -23.52 14.02 -9.35
C SER C 240 -22.52 12.83 -9.28
N ARG C 241 -21.53 12.93 -8.38
CA ARG C 241 -20.48 11.93 -8.32
C ARG C 241 -20.81 10.88 -7.24
N ASP C 242 -22.05 10.91 -6.69
CA ASP C 242 -22.56 9.85 -5.83
C ASP C 242 -22.80 8.57 -6.65
N VAL C 243 -22.59 7.45 -5.96
CA VAL C 243 -22.76 6.11 -6.45
C VAL C 243 -23.23 5.27 -5.27
N ALA C 244 -24.33 4.55 -5.48
CA ALA C 244 -24.92 3.67 -4.46
C ALA C 244 -24.98 2.29 -5.01
N GLN C 245 -24.48 1.34 -4.23
CA GLN C 245 -24.59 -0.09 -4.51
C GLN C 245 -25.47 -0.82 -3.47
N LEU C 246 -26.78 -0.86 -3.76
CA LEU C 246 -27.80 -1.25 -2.83
C LEU C 246 -28.01 -2.76 -2.79
N GLY C 247 -27.91 -3.32 -1.61
CA GLY C 247 -27.75 -4.75 -1.55
C GLY C 247 -27.07 -5.13 -0.27
N ASP C 248 -26.88 -6.42 -0.15
CA ASP C 248 -26.07 -7.02 0.89
C ASP C 248 -24.68 -6.39 0.76
N VAL C 249 -24.07 -6.23 1.94
CA VAL C 249 -22.94 -5.34 2.06
C VAL C 249 -21.77 -6.10 1.49
N VAL C 250 -21.58 -7.30 2.04
CA VAL C 250 -20.54 -8.19 1.60
C VAL C 250 -20.57 -8.39 0.08
N HIS C 251 -21.76 -8.56 -0.50
CA HIS C 251 -21.86 -8.69 -1.94
C HIS C 251 -21.25 -7.45 -2.62
N GLY C 252 -21.79 -6.28 -2.24
CA GLY C 252 -21.31 -5.00 -2.77
C GLY C 252 -19.79 -4.89 -2.72
N VAL C 253 -19.21 -5.31 -1.59
CA VAL C 253 -17.82 -5.11 -1.35
C VAL C 253 -17.04 -6.09 -2.20
N GLU C 254 -17.61 -7.29 -2.37
CA GLU C 254 -17.02 -8.35 -3.18
C GLU C 254 -16.99 -7.87 -4.61
N SER C 255 -18.03 -7.17 -5.05
CA SER C 255 -18.00 -6.73 -6.44
C SER C 255 -16.87 -5.75 -6.65
N LEU C 256 -16.70 -4.88 -5.64
CA LEU C 256 -15.77 -3.78 -5.77
C LEU C 256 -14.37 -4.37 -5.74
N VAL C 257 -14.15 -5.38 -4.88
CA VAL C 257 -12.88 -6.08 -4.94
C VAL C 257 -12.61 -6.75 -6.27
N GLU C 258 -13.63 -7.35 -6.88
CA GLU C 258 -13.37 -8.02 -8.16
C GLU C 258 -13.04 -6.92 -9.19
N LEU C 259 -13.82 -5.84 -9.17
CA LEU C 259 -13.58 -4.70 -10.04
C LEU C 259 -12.22 -4.03 -9.83
N LEU C 260 -11.68 -4.08 -8.62
CA LEU C 260 -10.36 -3.50 -8.40
C LEU C 260 -9.28 -4.40 -8.94
N GLY C 261 -9.62 -5.68 -9.12
CA GLY C 261 -8.64 -6.71 -9.27
C GLY C 261 -7.95 -7.15 -7.96
N TRP C 262 -8.60 -7.11 -6.80
CA TRP C 262 -7.87 -7.43 -5.56
C TRP C 262 -8.29 -8.75 -4.89
N THR C 263 -9.19 -9.55 -5.52
CA THR C 263 -9.78 -10.69 -4.84
C THR C 263 -8.72 -11.70 -4.40
N GLU C 264 -7.71 -11.92 -5.23
CA GLU C 264 -6.70 -12.92 -4.85
C GLU C 264 -5.91 -12.42 -3.65
N GLU C 265 -5.63 -11.11 -3.72
CA GLU C 265 -4.81 -10.48 -2.71
C GLU C 265 -5.48 -10.49 -1.34
N MET C 266 -6.77 -10.14 -1.35
CA MET C 266 -7.73 -10.29 -0.26
C MET C 266 -7.67 -11.70 0.28
N ARG C 267 -7.93 -12.68 -0.59
CA ARG C 267 -7.80 -14.09 -0.18
C ARG C 267 -6.45 -14.31 0.50
N ASP C 268 -5.36 -13.84 -0.06
CA ASP C 268 -4.06 -14.16 0.57
C ASP C 268 -3.96 -13.44 1.91
N LEU C 269 -4.60 -12.27 2.02
CA LEU C 269 -4.43 -11.52 3.25
C LEU C 269 -5.23 -12.17 4.39
N VAL C 270 -6.48 -12.46 4.04
CA VAL C 270 -7.34 -13.20 4.95
C VAL C 270 -6.59 -14.44 5.45
N GLN C 271 -6.12 -15.27 4.53
CA GLN C 271 -5.26 -16.42 4.82
C GLN C 271 -4.29 -16.01 5.89
N ARG C 272 -3.51 -14.98 5.66
CA ARG C 272 -2.39 -14.83 6.58
C ARG C 272 -2.84 -14.35 7.96
N GLU C 273 -3.99 -13.68 8.04
CA GLU C 273 -4.37 -13.14 9.32
C GLU C 273 -5.02 -14.30 10.08
N THR C 274 -5.90 -15.03 9.41
CA THR C 274 -6.59 -16.08 10.11
C THR C 274 -5.56 -17.11 10.56
N GLY C 275 -4.45 -17.24 9.86
CA GLY C 275 -3.34 -18.08 10.31
C GLY C 275 -2.43 -17.42 11.35
N LYS C 276 -3.01 -16.55 12.20
CA LYS C 276 -2.40 -16.19 13.46
C LYS C 276 -3.26 -16.82 14.58
N GLN D 1 -17.11 17.98 22.71
CA GLN D 1 -17.63 17.48 21.40
C GLN D 1 -19.16 17.50 21.43
N PRO D 2 -19.85 17.26 20.29
CA PRO D 2 -21.28 16.92 20.31
C PRO D 2 -21.62 15.60 21.00
N LYS D 3 -22.98 15.28 20.96
CA LYS D 3 -23.49 14.34 21.95
C LYS D 3 -24.15 13.16 21.22
CAL FDL D 4 -31.64 8.40 17.22
CAD FDL D 4 -31.72 9.36 18.38
CAC FDL D 4 -32.96 9.67 18.94
CAB FDL D 4 -33.04 10.55 20.00
OAK FDL D 4 -34.26 10.85 20.52
OAA FDL D 4 -31.88 11.12 20.55
CAF FDL D 4 -30.65 10.82 20.02
CAG FDL D 4 -29.48 11.39 20.56
CAE FDL D 4 -30.55 9.93 18.93
CAH FDL D 4 -29.31 9.61 18.40
CAI FDL D 4 -28.15 10.19 18.93
CAJ FDL D 4 -28.23 11.06 20.01
NAM FDL D 4 -27.08 11.60 20.49
C FDL D 4 -26.35 10.96 21.40
O FDL D 4 -26.83 10.54 22.44
CA FDL D 4 -24.83 10.85 21.14
N FDL D 4 -24.15 11.95 21.76
CB FDL D 4 -24.27 9.56 21.70
CAS FDL D 4 -24.88 8.31 21.07
CAT FDL D 4 -24.08 7.08 21.48
CAU FDL D 4 -24.86 5.80 21.22
NAV FDL D 4 -24.13 4.62 21.70
CAW FDL D 4 -24.08 3.46 21.01
OAY FDL D 4 -24.75 3.27 19.99
CAX FDL D 4 -23.14 2.42 21.56
ZN ZN E . 15.06 5.30 -41.63
PA CNA F . 28.02 -3.45 -13.34
O1A CNA F . 28.78 -2.69 -14.38
O2A CNA F . 27.13 -4.56 -13.81
O5B CNA F . 29.07 -4.07 -12.29
C5B CNA F . 28.53 -4.57 -11.04
C4B CNA F . 28.10 -3.42 -10.16
O4B CNA F . 26.85 -3.75 -9.51
C3B CNA F . 29.03 -3.08 -8.98
O3B CNA F . 28.77 -1.74 -8.54
C2B CNA F . 28.68 -4.24 -8.05
O2B CNA F . 29.17 -3.86 -6.77
C1B CNA F . 27.16 -4.43 -8.31
N9A CNA F . 26.71 -5.81 -8.52
C8A CNA F . 26.50 -6.41 -9.74
N7A CNA F . 26.11 -7.65 -9.67
C5A CNA F . 26.01 -7.90 -8.30
C6A CNA F . 25.61 -9.04 -7.58
N6A CNA F . 25.23 -10.17 -8.17
N1A CNA F . 25.63 -8.95 -6.22
C2A CNA F . 26.01 -7.80 -5.64
N3A CNA F . 26.39 -6.66 -6.23
C4A CNA F . 26.37 -6.76 -7.58
O3 CNA F . 27.20 -2.42 -12.38
PN CNA F . 26.21 -1.15 -12.17
O1N CNA F . 24.86 -1.68 -12.56
O2N CNA F . 26.44 -0.58 -10.80
O5D CNA F . 26.66 -0.03 -13.25
C5D CNA F . 25.71 0.52 -14.22
C4D CNA F . 25.61 -0.40 -15.42
C4' CNA F . 24.80 -1.69 -15.22
C3D CNA F . 24.91 0.16 -16.65
O3D CNA F . 25.87 1.00 -17.27
C2D CNA F . 24.50 -1.05 -17.51
O2D CNA F . 25.34 -0.96 -18.63
C1D CNA F . 24.89 -2.26 -16.63
N1N CNA F . 24.15 -3.52 -16.76
C2N CNA F . 22.80 -3.61 -16.84
C3N CNA F . 22.23 -4.89 -16.85
C7N CNA F . 20.77 -5.15 -16.99
O7N CNA F . 20.14 -4.76 -18.00
N7N CNA F . 20.22 -5.98 -16.11
C4N CNA F . 23.04 -6.02 -16.85
C5N CNA F . 24.40 -5.89 -16.76
C6N CNA F . 24.96 -4.63 -16.71
ZN ZN G . -14.10 4.85 41.56
C1 Y4T H . -26.22 7.96 11.70
O1 Y4T H . -30.79 2.11 11.52
C2 Y4T H . -26.92 6.87 11.61
C7 Y4T H . -29.87 3.08 11.85
C8 Y4T H . -30.10 3.94 12.94
C3 Y4T H . -26.96 5.95 12.75
C4 Y4T H . -27.96 4.97 12.45
C5 Y4T H . -27.73 4.17 11.42
C6 Y4T H . -28.65 3.17 11.12
C9 Y4T H . -31.38 4.00 13.70
C10 Y4T H . -32.53 4.49 13.07
C11 Y4T H . -33.74 4.60 13.73
C12 Y4T H . -33.80 4.26 15.08
C13 Y4T H . -32.67 3.79 15.76
C14 Y4T H . -32.74 3.40 17.26
C15 Y4T H . -31.99 4.36 18.20
C16 Y4T H . -32.28 5.60 18.61
C17 Y4T H . -31.47 3.67 15.06
C18 Y4T H . -29.13 4.89 13.18
O2 Y4T H . -35.02 4.39 15.67
PA CNA I . -28.13 -0.59 12.84
O1A CNA I . -28.90 0.49 13.54
O2A CNA I . -28.37 -1.99 13.34
O5B CNA I . -28.43 -0.52 11.25
C5B CNA I . -27.48 -0.91 10.23
C4B CNA I . -27.81 -0.27 8.90
O4B CNA I . -27.10 -1.03 7.88
C3B CNA I . -29.29 -0.32 8.45
O3B CNA I . -29.68 0.56 7.40
C2B CNA I . -29.35 -1.77 7.97
O2B CNA I . -30.47 -2.03 7.15
C1B CNA I . -28.01 -1.89 7.23
N9A CNA I . -27.47 -3.25 7.19
C8A CNA I . -27.33 -4.11 8.27
N7A CNA I . -26.86 -5.29 7.94
C5A CNA I . -26.66 -5.22 6.56
C6A CNA I . -26.16 -6.16 5.61
N6A CNA I . -25.74 -7.38 5.94
N1A CNA I . -26.13 -5.79 4.30
C2A CNA I . -26.52 -4.54 4.00
N3A CNA I . -26.98 -3.55 4.81
C4A CNA I . -27.04 -3.96 6.09
O3 CNA I . -26.58 -0.19 12.84
PN CNA I . -25.79 1.16 12.44
O1N CNA I . -24.32 1.08 12.68
O2N CNA I . -26.20 1.58 11.07
O5D CNA I . -26.49 2.10 13.57
C5D CNA I . -25.76 3.01 14.46
C4D CNA I . -26.30 3.02 15.87
C4' CNA I . -26.92 1.69 16.37
C3D CNA I . -25.18 3.22 16.88
O3D CNA I . -25.70 3.70 18.12
C2D CNA I . -24.56 1.81 16.94
O2D CNA I . -23.58 1.58 17.91
C1D CNA I . -25.79 0.93 17.16
N1N CNA I . -25.57 -0.48 16.72
C2N CNA I . -24.34 -1.05 16.73
C3N CNA I . -24.17 -2.37 16.29
C7N CNA I . -22.89 -3.17 16.25
O7N CNA I . -21.81 -2.79 16.75
N7N CNA I . -23.00 -4.40 15.74
C4N CNA I . -25.31 -3.06 15.87
C5N CNA I . -26.55 -2.46 15.87
C6N CNA I . -26.68 -1.15 16.30
#